data_2WMO
#
_entry.id   2WMO
#
_cell.length_a   93.060
_cell.length_b   88.590
_cell.length_c   89.980
_cell.angle_alpha   90.00
_cell.angle_beta   90.00
_cell.angle_gamma   90.00
#
_symmetry.space_group_name_H-M   'P 21 21 2'
#
loop_
_entity.id
_entity.type
_entity.pdbx_description
1 polymer 'DEDICATOR OF CYTOKINESIS PROTEIN 9'
2 polymer 'CELL DIVISION CONTROL PROTEIN 42 HOMOLOG'
3 non-polymer "GUANOSINE-5'-TRIPHOSPHATE"
4 non-polymer 'MAGNESIUM ION'
5 water water
#
loop_
_entity_poly.entity_id
_entity_poly.type
_entity_poly.pdbx_seq_one_letter_code
_entity_poly.pdbx_strand_id
1 'polypeptide(L)'
;KSYASTPELRKTWLDSMARIHVKNGDLSEAAMCYVHVTALVAEYLTRKGVFRQGCTAFRVITPNIDEEASMMEDVGMQDV
HFNEDVLMELLEQCADGLWKAERYELIADIYKLIIPIYEKRRDFERLAHLYDTLHRAYSKVTEVMHSGRRLLGTYFRVAF
FGQGFFEDEDGKEYIYKEPKLTPLSEISQRLLKLYSDKFGSENVKMIQDSGKVNPKDLDSKYAYIQVTHVIPFFDEKELQ
ERKTEFERSHNIRRFMFEMPFTQTGKRQGGVEEQCKRRTILTAIHCFPYVKKRIPVMYQHHTDLNPIEVAIDEMSKKVAE
LRQLCSSAEVDMIKLQLKLQGSVSVQVNAGPLAYARAFLDDTNTKRYPDNKVKLLKEVFRQFVEACGQALAVNERLIKED
QLEYQEEMKANYREMAKELSEIMHEQLG
;
A
2 'polypeptide(L)'
;SHMQTIKCVVVGDGAVGKTCLLISYTTNKFPSEYVPTVFDNYAVTVMIGGEPYTLGLFDTAGQEDYDRLRPLSYPQTDVF
LVCFSVVSPSSFENVKEKWVPEITHHCPKTPFLLVGTQIDLRDDPSTIEKLAKNKQKPITPETAEKLARDLKAVKYVECS
ALTQKGLKNVFDEAILAALEPPEPKKSRRC
;
B
#
# COMPACT_ATOMS: atom_id res chain seq x y z
N SER A 5 -8.24 29.28 -33.15
CA SER A 5 -9.48 29.06 -32.40
C SER A 5 -9.18 28.35 -31.07
N THR A 6 -9.28 29.10 -29.97
CA THR A 6 -8.91 28.58 -28.65
C THR A 6 -9.55 27.23 -28.29
N PRO A 7 -10.90 27.16 -28.20
CA PRO A 7 -11.53 25.88 -27.84
C PRO A 7 -11.07 24.71 -28.69
N GLU A 8 -10.94 24.90 -30.00
CA GLU A 8 -10.50 23.83 -30.90
C GLU A 8 -9.04 23.40 -30.63
N LEU A 9 -8.22 24.35 -30.19
CA LEU A 9 -6.82 24.02 -29.86
C LEU A 9 -6.76 23.29 -28.52
N ARG A 10 -7.51 23.79 -27.54
CA ARG A 10 -7.72 23.06 -26.29
C ARG A 10 -8.17 21.63 -26.62
N LYS A 11 -9.24 21.49 -27.40
CA LYS A 11 -9.70 20.16 -27.79
C LYS A 11 -8.60 19.35 -28.46
N THR A 12 -7.76 20.04 -29.24
CA THR A 12 -6.65 19.37 -29.92
C THR A 12 -5.67 18.76 -28.93
N TRP A 13 -5.19 19.58 -28.00
CA TRP A 13 -4.24 19.12 -26.99
C TRP A 13 -4.85 17.98 -26.16
N LEU A 14 -6.05 18.22 -25.63
CA LEU A 14 -6.73 17.20 -24.83
C LEU A 14 -6.86 15.88 -25.58
N ASP A 15 -7.27 15.94 -26.85
CA ASP A 15 -7.39 14.71 -27.64
C ASP A 15 -6.07 13.97 -27.78
N SER A 16 -4.98 14.71 -27.98
CA SER A 16 -3.66 14.09 -28.05
C SER A 16 -3.13 13.58 -26.71
N MET A 17 -3.32 14.35 -25.64
CA MET A 17 -3.07 13.78 -24.30
C MET A 17 -3.75 12.41 -24.19
N ALA A 18 -5.04 12.35 -24.56
CA ALA A 18 -5.81 11.12 -24.41
C ALA A 18 -5.22 9.94 -25.17
N ARG A 19 -4.76 10.20 -26.39
CA ARG A 19 -4.15 9.13 -27.17
C ARG A 19 -2.91 8.64 -26.43
N ILE A 20 -2.13 9.58 -25.91
CA ILE A 20 -0.96 9.22 -25.10
C ILE A 20 -1.36 8.37 -23.89
N HIS A 21 -2.36 8.83 -23.14
CA HIS A 21 -2.82 8.08 -21.96
C HIS A 21 -3.31 6.68 -22.32
N VAL A 22 -4.05 6.56 -23.42
CA VAL A 22 -4.55 5.26 -23.81
C VAL A 22 -3.38 4.33 -24.13
N LYS A 23 -2.42 4.86 -24.88
CA LYS A 23 -1.23 4.08 -25.22
C LYS A 23 -0.52 3.65 -23.95
N ASN A 24 -0.52 4.50 -22.94
CA ASN A 24 0.14 4.18 -21.67
C ASN A 24 -0.72 3.36 -20.71
N GLY A 25 -2.00 3.17 -21.02
CA GLY A 25 -2.86 2.37 -20.16
C GLY A 25 -3.33 3.16 -18.95
N ASP A 26 -3.23 4.48 -19.05
CA ASP A 26 -3.67 5.39 -17.99
C ASP A 26 -5.10 5.86 -18.30
N LEU A 27 -6.04 4.92 -18.19
CA LEU A 27 -7.38 5.07 -18.74
C LEU A 27 -8.24 6.14 -18.06
N SER A 28 -8.06 6.32 -16.75
CA SER A 28 -8.78 7.37 -16.04
C SER A 28 -8.35 8.75 -16.50
N GLU A 29 -7.05 8.91 -16.82
CA GLU A 29 -6.57 10.18 -17.34
C GLU A 29 -7.12 10.41 -18.75
N ALA A 30 -7.13 9.37 -19.57
CA ALA A 30 -7.79 9.43 -20.88
C ALA A 30 -9.26 9.82 -20.67
N ALA A 31 -9.88 9.21 -19.70
CA ALA A 31 -11.31 9.45 -19.43
C ALA A 31 -11.49 10.91 -19.06
N MET A 32 -10.62 11.43 -18.20
CA MET A 32 -10.72 12.83 -17.83
C MET A 32 -10.52 13.75 -19.04
N CYS A 33 -9.63 13.38 -19.96
CA CYS A 33 -9.46 14.17 -21.19
C CYS A 33 -10.77 14.21 -22.01
N TYR A 34 -11.46 13.08 -22.14
CA TYR A 34 -12.75 13.10 -22.82
C TYR A 34 -13.76 14.03 -22.10
N VAL A 35 -13.94 13.82 -20.80
CA VAL A 35 -14.85 14.64 -19.99
C VAL A 35 -14.54 16.13 -20.17
N HIS A 36 -13.26 16.47 -20.10
CA HIS A 36 -12.84 17.87 -20.28
C HIS A 36 -13.21 18.43 -21.65
N VAL A 37 -13.03 17.63 -22.68
CA VAL A 37 -13.35 18.04 -24.05
C VAL A 37 -14.88 18.18 -24.19
N THR A 38 -15.60 17.17 -23.71
CA THR A 38 -17.05 17.20 -23.73
C THR A 38 -17.58 18.46 -23.02
N ALA A 39 -17.00 18.79 -21.87
CA ALA A 39 -17.43 19.96 -21.08
C ALA A 39 -17.24 21.26 -21.83
N LEU A 40 -16.13 21.33 -22.54
CA LEU A 40 -15.80 22.50 -23.34
C LEU A 40 -16.80 22.70 -24.47
N VAL A 41 -17.03 21.64 -25.25
CA VAL A 41 -18.03 21.68 -26.31
C VAL A 41 -19.43 21.96 -25.72
N ALA A 42 -19.74 21.34 -24.59
CA ALA A 42 -21.03 21.62 -23.94
C ALA A 42 -21.18 23.10 -23.60
N GLU A 43 -20.14 23.68 -23.00
CA GLU A 43 -20.18 25.09 -22.59
C GLU A 43 -20.42 25.98 -23.82
N TYR A 44 -19.60 25.77 -24.85
CA TYR A 44 -19.78 26.49 -26.11
C TYR A 44 -21.22 26.37 -26.63
N LEU A 45 -21.68 25.15 -26.86
CA LEU A 45 -23.04 24.92 -27.33
C LEU A 45 -24.12 25.49 -26.41
N THR A 46 -23.87 25.51 -25.11
CA THR A 46 -24.85 26.10 -24.19
C THR A 46 -24.97 27.62 -24.42
N ARG A 47 -23.85 28.28 -24.71
CA ARG A 47 -23.86 29.72 -25.00
C ARG A 47 -24.62 30.08 -26.30
N LYS A 48 -24.62 29.16 -27.27
CA LYS A 48 -25.33 29.37 -28.53
C LYS A 48 -26.81 29.00 -28.47
N GLY A 49 -27.25 28.42 -27.35
CA GLY A 49 -28.63 28.00 -27.22
C GLY A 49 -28.94 26.65 -27.86
N VAL A 50 -27.89 25.90 -28.17
CA VAL A 50 -27.99 24.57 -28.78
C VAL A 50 -28.14 23.46 -27.73
N PHE A 51 -27.44 23.61 -26.61
CA PHE A 51 -27.44 22.61 -25.56
C PHE A 51 -27.92 23.23 -24.24
N ARG A 52 -28.39 22.41 -23.33
CA ARG A 52 -29.06 22.90 -22.13
C ARG A 52 -28.14 23.36 -20.99
N GLN A 53 -27.10 22.59 -20.69
CA GLN A 53 -26.36 22.77 -19.43
C GLN A 53 -24.99 23.50 -19.51
N GLY A 54 -23.94 22.76 -19.88
CA GLY A 54 -22.60 23.34 -19.90
C GLY A 54 -21.69 22.83 -18.80
N CYS A 55 -20.45 23.35 -18.78
CA CYS A 55 -19.43 23.09 -17.76
C CYS A 55 -19.82 22.41 -16.45
N THR A 56 -20.68 23.08 -15.69
CA THR A 56 -21.03 22.63 -14.35
C THR A 56 -21.81 21.31 -14.32
N ALA A 57 -22.28 20.87 -15.47
CA ALA A 57 -23.02 19.60 -15.50
C ALA A 57 -22.05 18.45 -15.25
N PHE A 58 -20.78 18.71 -15.56
CA PHE A 58 -19.68 17.76 -15.45
C PHE A 58 -18.85 18.01 -14.20
N ARG A 59 -19.19 19.07 -13.48
CA ARG A 59 -18.44 19.45 -12.29
C ARG A 59 -18.48 18.36 -11.23
N VAL A 60 -19.57 17.60 -11.20
CA VAL A 60 -19.69 16.51 -10.24
C VAL A 60 -18.83 15.30 -10.63
N ILE A 61 -18.59 15.13 -11.94
CA ILE A 61 -17.68 14.10 -12.40
C ILE A 61 -16.24 14.51 -12.02
N THR A 62 -15.92 15.78 -12.23
CA THR A 62 -14.64 16.33 -11.78
C THR A 62 -14.70 17.84 -11.53
N PRO A 63 -14.29 18.27 -10.33
CA PRO A 63 -14.19 19.71 -10.05
C PRO A 63 -13.08 20.39 -10.86
N ASN A 64 -12.20 19.63 -11.49
CA ASN A 64 -11.15 20.25 -12.31
C ASN A 64 -11.73 20.88 -13.58
N ILE A 65 -13.01 20.62 -13.83
CA ILE A 65 -13.65 21.10 -15.03
C ILE A 65 -13.61 22.62 -15.08
N ASP A 66 -13.63 23.24 -13.91
CA ASP A 66 -13.49 24.68 -13.82
C ASP A 66 -12.43 25.21 -14.79
N GLU A 67 -11.25 24.62 -14.78
CA GLU A 67 -10.14 25.04 -15.65
C GLU A 67 -10.58 25.32 -17.09
N GLU A 68 -11.58 24.60 -17.57
CA GLU A 68 -12.08 24.79 -18.93
C GLU A 68 -12.90 26.09 -19.09
N ALA A 69 -12.44 27.14 -18.41
CA ALA A 69 -13.07 28.47 -18.44
C ALA A 69 -13.59 28.85 -19.82
N HIS A 81 -18.44 23.23 -36.87
CA HIS A 81 -17.30 22.96 -35.99
C HIS A 81 -17.74 22.12 -34.80
N PHE A 82 -18.33 22.76 -33.80
CA PHE A 82 -18.97 22.06 -32.70
C PHE A 82 -20.48 22.07 -32.95
N ASN A 83 -21.10 20.92 -32.86
CA ASN A 83 -22.56 20.81 -32.97
C ASN A 83 -23.11 19.70 -32.09
N GLU A 84 -24.43 19.58 -32.04
CA GLU A 84 -25.09 18.60 -31.17
C GLU A 84 -24.58 17.21 -31.48
N ASP A 85 -24.33 16.94 -32.74
CA ASP A 85 -23.93 15.61 -33.15
C ASP A 85 -22.53 15.30 -32.64
N VAL A 86 -21.63 16.26 -32.74
CA VAL A 86 -20.29 16.13 -32.17
C VAL A 86 -20.43 15.90 -30.66
N LEU A 87 -21.26 16.71 -29.99
CA LEU A 87 -21.46 16.56 -28.55
C LEU A 87 -21.90 15.14 -28.18
N MET A 88 -22.87 14.62 -28.93
CA MET A 88 -23.42 13.30 -28.64
C MET A 88 -22.34 12.24 -28.75
N GLU A 89 -21.57 12.32 -29.82
CA GLU A 89 -20.46 11.38 -30.02
C GLU A 89 -19.43 11.49 -28.88
N LEU A 90 -19.15 12.71 -28.45
CA LEU A 90 -18.22 12.92 -27.32
C LEU A 90 -18.78 12.37 -26.01
N LEU A 91 -20.08 12.52 -25.80
CA LEU A 91 -20.71 11.98 -24.59
C LEU A 91 -20.59 10.47 -24.58
N GLU A 92 -20.86 9.84 -25.73
CA GLU A 92 -20.73 8.39 -25.84
C GLU A 92 -19.28 7.95 -25.60
N GLN A 93 -18.34 8.79 -26.04
CA GLN A 93 -16.90 8.53 -25.79
C GLN A 93 -16.55 8.62 -24.29
N CYS A 94 -17.08 9.64 -23.60
CA CYS A 94 -16.91 9.73 -22.15
C CYS A 94 -17.42 8.47 -21.48
N ALA A 95 -18.64 8.07 -21.81
CA ALA A 95 -19.22 6.89 -21.19
C ALA A 95 -18.34 5.66 -21.36
N ASP A 96 -17.90 5.35 -22.57
CA ASP A 96 -17.05 4.18 -22.80
C ASP A 96 -15.64 4.34 -22.17
N GLY A 97 -15.14 5.55 -22.15
CA GLY A 97 -13.86 5.83 -21.52
C GLY A 97 -13.95 5.61 -20.03
N LEU A 98 -15.05 6.08 -19.44
CA LEU A 98 -15.25 5.88 -18.02
C LEU A 98 -15.42 4.39 -17.71
N TRP A 99 -16.06 3.66 -18.60
CA TRP A 99 -16.13 2.22 -18.44
C TRP A 99 -14.73 1.62 -18.43
N LYS A 100 -13.92 1.99 -19.42
CA LYS A 100 -12.61 1.39 -19.51
C LYS A 100 -11.73 1.73 -18.30
N ALA A 101 -11.91 2.92 -17.74
CA ALA A 101 -11.18 3.33 -16.53
C ALA A 101 -11.70 2.66 -15.27
N GLU A 102 -12.81 1.92 -15.38
CA GLU A 102 -13.38 1.27 -14.22
C GLU A 102 -13.97 2.26 -13.22
N ARG A 103 -14.28 3.48 -13.65
CA ARG A 103 -15.00 4.41 -12.78
C ARG A 103 -16.54 4.35 -13.06
N TYR A 104 -17.11 3.18 -12.87
CA TYR A 104 -18.51 2.91 -13.26
C TYR A 104 -19.49 3.92 -12.69
N GLU A 105 -19.34 4.25 -11.41
CA GLU A 105 -20.23 5.16 -10.71
C GLU A 105 -20.51 6.48 -11.43
N LEU A 106 -19.67 6.79 -12.41
CA LEU A 106 -19.71 8.11 -13.04
C LEU A 106 -20.42 8.12 -14.38
N ILE A 107 -20.70 6.94 -14.92
CA ILE A 107 -21.26 6.88 -16.25
C ILE A 107 -22.63 7.57 -16.35
N ALA A 108 -23.44 7.43 -15.31
CA ALA A 108 -24.81 7.99 -15.32
C ALA A 108 -24.83 9.51 -15.48
N ASP A 109 -23.85 10.20 -14.91
CA ASP A 109 -23.81 11.66 -15.01
C ASP A 109 -23.62 12.10 -16.46
N ILE A 110 -22.86 11.32 -17.23
CA ILE A 110 -22.74 11.55 -18.66
C ILE A 110 -24.04 11.17 -19.43
N TYR A 111 -24.52 9.96 -19.21
CA TYR A 111 -25.68 9.51 -19.98
C TYR A 111 -26.96 10.33 -19.73
N LYS A 112 -27.13 10.86 -18.52
CA LYS A 112 -28.27 11.74 -18.23
C LYS A 112 -28.34 12.94 -19.18
N LEU A 113 -27.20 13.37 -19.71
CA LEU A 113 -27.15 14.55 -20.58
C LEU A 113 -27.55 14.21 -22.00
N ILE A 114 -27.40 12.96 -22.42
CA ILE A 114 -27.75 12.59 -23.78
C ILE A 114 -29.11 11.89 -23.89
N ILE A 115 -29.64 11.42 -22.76
CA ILE A 115 -30.90 10.70 -22.76
C ILE A 115 -32.06 11.52 -23.36
N PRO A 116 -32.21 12.80 -22.96
CA PRO A 116 -33.30 13.58 -23.56
C PRO A 116 -33.13 13.83 -25.05
N ILE A 117 -31.90 13.79 -25.54
CA ILE A 117 -31.68 13.98 -26.96
C ILE A 117 -32.10 12.73 -27.72
N TYR A 118 -31.66 11.56 -27.28
CA TYR A 118 -32.13 10.31 -27.87
C TYR A 118 -33.67 10.17 -27.84
N GLU A 119 -34.30 10.57 -26.73
CA GLU A 119 -35.77 10.50 -26.63
C GLU A 119 -36.42 11.39 -27.68
N LYS A 120 -36.01 12.65 -27.73
CA LYS A 120 -36.53 13.55 -28.75
C LYS A 120 -36.30 13.03 -30.18
N ARG A 121 -35.20 12.32 -30.40
CA ARG A 121 -34.91 11.78 -31.72
C ARG A 121 -35.60 10.45 -31.99
N ARG A 122 -36.31 9.93 -30.99
CA ARG A 122 -36.89 8.58 -31.01
C ARG A 122 -35.83 7.50 -31.28
N ASP A 123 -34.62 7.71 -30.79
CA ASP A 123 -33.56 6.75 -31.07
C ASP A 123 -33.59 5.66 -30.00
N PHE A 124 -34.46 4.69 -30.20
CA PHE A 124 -34.70 3.68 -29.19
C PHE A 124 -33.55 2.67 -29.07
N GLU A 125 -32.87 2.36 -30.17
CA GLU A 125 -31.73 1.45 -30.11
C GLU A 125 -30.54 2.04 -29.32
N ARG A 126 -30.27 3.33 -29.50
CA ARG A 126 -29.24 4.01 -28.72
C ARG A 126 -29.62 4.06 -27.24
N LEU A 127 -30.91 4.27 -26.98
CA LEU A 127 -31.39 4.26 -25.60
C LEU A 127 -31.17 2.87 -25.01
N ALA A 128 -31.55 1.84 -25.77
CA ALA A 128 -31.38 0.46 -25.31
C ALA A 128 -29.93 0.17 -24.92
N HIS A 129 -29.01 0.66 -25.74
CA HIS A 129 -27.59 0.42 -25.54
C HIS A 129 -27.05 1.13 -24.30
N LEU A 130 -27.40 2.39 -24.12
CA LEU A 130 -26.89 3.11 -22.94
C LEU A 130 -27.44 2.55 -21.64
N TYR A 131 -28.73 2.20 -21.63
CA TYR A 131 -29.28 1.52 -20.45
C TYR A 131 -28.61 0.16 -20.21
N ASP A 132 -28.26 -0.53 -21.29
CA ASP A 132 -27.50 -1.77 -21.15
C ASP A 132 -26.15 -1.51 -20.44
N THR A 133 -25.46 -0.45 -20.84
CA THR A 133 -24.20 -0.06 -20.17
C THR A 133 -24.44 0.31 -18.71
N LEU A 134 -25.50 1.10 -18.45
CA LEU A 134 -25.75 1.49 -17.06
C LEU A 134 -26.06 0.28 -16.19
N HIS A 135 -26.81 -0.67 -16.74
CA HIS A 135 -27.13 -1.88 -15.98
C HIS A 135 -25.84 -2.62 -15.64
N ARG A 136 -25.00 -2.82 -16.64
CA ARG A 136 -23.72 -3.52 -16.43
C ARG A 136 -22.83 -2.71 -15.49
N ALA A 137 -22.86 -1.39 -15.62
CA ALA A 137 -22.11 -0.52 -14.71
C ALA A 137 -22.45 -0.80 -13.25
N TYR A 138 -23.73 -0.68 -12.89
CA TYR A 138 -24.11 -0.84 -11.50
C TYR A 138 -23.93 -2.28 -10.99
N SER A 139 -24.10 -3.26 -11.87
CA SER A 139 -23.77 -4.66 -11.53
C SER A 139 -22.29 -4.78 -11.16
N LYS A 140 -21.43 -4.22 -12.00
CA LYS A 140 -20.01 -4.12 -11.68
C LYS A 140 -19.78 -3.45 -10.34
N VAL A 141 -20.49 -2.35 -10.08
CA VAL A 141 -20.28 -1.62 -8.81
C VAL A 141 -20.51 -2.51 -7.58
N THR A 142 -21.60 -3.27 -7.56
CA THR A 142 -21.85 -4.10 -6.39
C THR A 142 -20.88 -5.28 -6.33
N GLU A 143 -20.45 -5.75 -7.49
CA GLU A 143 -19.48 -6.83 -7.51
C GLU A 143 -18.16 -6.41 -6.86
N VAL A 144 -17.59 -5.31 -7.33
CA VAL A 144 -16.26 -4.91 -6.88
C VAL A 144 -16.32 -4.35 -5.47
N MET A 145 -17.48 -3.84 -5.08
CA MET A 145 -17.64 -3.38 -3.71
C MET A 145 -17.53 -4.55 -2.74
N HIS A 146 -17.88 -5.75 -3.20
CA HIS A 146 -17.78 -6.93 -2.36
C HIS A 146 -16.42 -7.62 -2.47
N SER A 147 -16.00 -7.89 -3.70
CA SER A 147 -14.81 -8.68 -3.95
C SER A 147 -13.47 -7.95 -3.68
N GLY A 148 -13.45 -6.63 -3.86
CA GLY A 148 -12.25 -5.84 -3.68
C GLY A 148 -11.31 -5.83 -4.89
N ARG A 149 -11.78 -6.38 -6.01
CA ARG A 149 -10.93 -6.57 -7.16
C ARG A 149 -10.67 -5.33 -8.02
N ARG A 150 -11.36 -4.22 -7.73
CA ARG A 150 -11.09 -2.99 -8.45
C ARG A 150 -9.93 -2.20 -7.81
N LEU A 151 -8.91 -1.88 -8.61
CA LEU A 151 -7.69 -1.24 -8.12
C LEU A 151 -7.43 0.04 -8.88
N LEU A 152 -7.88 1.17 -8.34
CA LEU A 152 -7.83 2.43 -9.08
C LEU A 152 -6.48 3.16 -9.03
N GLY A 153 -5.58 2.76 -8.14
CA GLY A 153 -4.23 3.33 -8.22
C GLY A 153 -3.55 3.62 -6.91
N THR A 154 -2.23 3.83 -6.98
CA THR A 154 -1.44 4.20 -5.81
C THR A 154 -0.81 5.59 -6.01
N TYR A 155 -0.52 6.27 -4.90
CA TYR A 155 -0.13 7.68 -4.93
C TYR A 155 1.23 7.91 -4.28
N PHE A 156 1.99 8.86 -4.85
CA PHE A 156 3.35 9.14 -4.42
C PHE A 156 3.66 10.64 -4.45
N ARG A 157 4.33 11.13 -3.41
CA ARG A 157 4.95 12.45 -3.44
C ARG A 157 6.34 12.30 -4.05
N VAL A 158 6.56 12.99 -5.16
CA VAL A 158 7.84 12.98 -5.83
C VAL A 158 8.41 14.40 -5.80
N ALA A 159 9.67 14.52 -5.40
CA ALA A 159 10.32 15.82 -5.30
C ALA A 159 11.72 15.79 -5.93
N PHE A 160 12.00 16.78 -6.78
CA PHE A 160 13.25 16.84 -7.52
C PHE A 160 14.21 17.87 -6.90
N PHE A 161 15.51 17.55 -6.87
CA PHE A 161 16.54 18.47 -6.36
C PHE A 161 17.80 18.43 -7.23
N GLY A 162 18.23 19.60 -7.71
CA GLY A 162 19.45 19.71 -8.49
C GLY A 162 19.37 20.60 -9.73
N GLN A 163 19.53 21.91 -9.53
CA GLN A 163 19.58 22.89 -10.62
C GLN A 163 20.41 22.39 -11.81
N GLY A 164 21.55 21.78 -11.52
CA GLY A 164 22.44 21.29 -12.56
C GLY A 164 21.81 20.46 -13.66
N PHE A 165 20.90 19.56 -13.29
CA PHE A 165 20.34 18.64 -14.30
C PHE A 165 18.83 18.81 -14.50
N PHE A 166 18.13 19.25 -13.44
CA PHE A 166 16.69 19.46 -13.53
C PHE A 166 16.37 20.89 -13.94
N GLU A 167 17.24 21.82 -13.53
CA GLU A 167 17.02 23.24 -13.80
C GLU A 167 15.74 23.75 -13.13
N ASP A 168 14.80 24.25 -13.93
CA ASP A 168 13.53 24.73 -13.43
C ASP A 168 12.75 23.67 -12.63
N GLU A 169 13.09 22.39 -12.84
CA GLU A 169 12.44 21.30 -12.11
C GLU A 169 12.96 21.14 -10.66
N ASP A 170 14.07 21.78 -10.31
CA ASP A 170 14.61 21.70 -8.95
C ASP A 170 13.69 22.33 -7.90
N GLY A 171 13.49 21.64 -6.78
CA GLY A 171 12.70 22.15 -5.68
C GLY A 171 11.20 22.00 -5.84
N LYS A 172 10.79 21.27 -6.88
CA LYS A 172 9.36 21.09 -7.13
C LYS A 172 8.85 19.73 -6.65
N GLU A 173 7.76 19.74 -5.88
CA GLU A 173 7.11 18.51 -5.43
C GLU A 173 5.81 18.26 -6.22
N TYR A 174 5.62 17.02 -6.65
CA TYR A 174 4.41 16.55 -7.31
C TYR A 174 3.76 15.39 -6.57
N ILE A 175 2.47 15.18 -6.83
CA ILE A 175 1.82 13.92 -6.50
C ILE A 175 1.72 13.12 -7.79
N TYR A 176 2.29 11.92 -7.78
CA TYR A 176 2.21 11.01 -8.92
C TYR A 176 1.15 9.96 -8.66
N LYS A 177 0.33 9.68 -9.67
CA LYS A 177 -0.66 8.62 -9.60
C LYS A 177 -0.23 7.47 -10.47
N GLU A 178 -0.08 6.31 -9.86
CA GLU A 178 0.47 5.15 -10.54
C GLU A 178 -0.61 4.10 -10.71
N PRO A 179 -0.41 3.16 -11.67
CA PRO A 179 -1.27 2.02 -11.93
C PRO A 179 -1.51 1.16 -10.69
N LYS A 180 -2.74 0.66 -10.57
CA LYS A 180 -3.11 -0.39 -9.63
C LYS A 180 -2.39 -0.37 -8.27
N LEU A 181 -1.54 -1.36 -8.04
CA LEU A 181 -0.81 -1.46 -6.79
C LEU A 181 0.70 -1.23 -6.95
N THR A 182 1.09 -0.29 -7.80
CA THR A 182 2.52 0.06 -7.95
C THR A 182 3.22 0.29 -6.60
N PRO A 183 4.26 -0.52 -6.28
CA PRO A 183 5.12 -0.35 -5.10
C PRO A 183 6.13 0.79 -5.28
N LEU A 184 6.60 1.39 -4.19
CA LEU A 184 7.58 2.49 -4.27
C LEU A 184 8.79 2.18 -5.17
N SER A 185 9.28 0.95 -5.11
CA SER A 185 10.45 0.56 -5.91
C SER A 185 10.20 0.65 -7.42
N GLU A 186 8.95 0.38 -7.82
CA GLU A 186 8.64 0.31 -9.23
C GLU A 186 8.61 1.70 -9.86
N ILE A 187 7.94 2.64 -9.20
CA ILE A 187 7.97 4.02 -9.67
C ILE A 187 9.38 4.62 -9.52
N SER A 188 10.08 4.25 -8.46
CA SER A 188 11.46 4.70 -8.29
C SER A 188 12.33 4.40 -9.51
N GLN A 189 12.40 3.14 -9.93
CA GLN A 189 13.30 2.84 -11.04
C GLN A 189 12.79 3.37 -12.38
N ARG A 190 11.47 3.37 -12.58
CA ARG A 190 10.93 3.97 -13.79
C ARG A 190 11.34 5.44 -13.83
N LEU A 191 11.51 6.05 -12.67
CA LEU A 191 11.95 7.44 -12.58
C LEU A 191 13.46 7.54 -12.78
N LEU A 192 14.20 6.71 -12.05
CA LEU A 192 15.64 6.64 -12.20
C LEU A 192 16.01 6.36 -13.66
N LYS A 193 15.59 5.19 -14.16
CA LYS A 193 15.83 4.79 -15.55
C LYS A 193 15.45 5.87 -16.56
N LEU A 194 14.41 6.65 -16.25
CA LEU A 194 13.99 7.73 -17.13
C LEU A 194 15.01 8.86 -17.15
N TYR A 195 15.60 9.17 -16.00
CA TYR A 195 16.58 10.25 -15.92
C TYR A 195 18.01 9.75 -16.01
N SER A 196 18.17 8.43 -16.10
CA SER A 196 19.46 7.81 -16.39
C SER A 196 19.68 7.78 -17.91
N ASP A 197 18.59 7.62 -18.66
CA ASP A 197 18.62 7.77 -20.11
C ASP A 197 18.75 9.25 -20.46
N LYS A 198 18.08 10.10 -19.68
CA LYS A 198 18.18 11.54 -19.87
C LYS A 198 19.56 12.04 -19.51
N PHE A 199 20.01 11.75 -18.29
CA PHE A 199 21.20 12.41 -17.74
C PHE A 199 22.44 11.52 -17.60
N GLY A 200 22.28 10.21 -17.79
CA GLY A 200 23.39 9.29 -17.63
C GLY A 200 23.46 8.71 -16.23
N SER A 201 23.60 7.39 -16.18
CA SER A 201 23.54 6.60 -14.94
C SER A 201 24.21 7.23 -13.71
N GLU A 202 25.52 7.47 -13.80
CA GLU A 202 26.31 7.89 -12.64
C GLU A 202 25.88 9.22 -12.02
N ASN A 203 24.92 9.89 -12.65
CA ASN A 203 24.59 11.25 -12.22
C ASN A 203 23.22 11.42 -11.53
N VAL A 204 22.48 10.32 -11.41
CA VAL A 204 21.17 10.36 -10.76
C VAL A 204 21.17 9.63 -9.40
N LYS A 205 20.74 10.32 -8.35
CA LYS A 205 20.60 9.69 -7.03
C LYS A 205 19.17 9.74 -6.44
N MET A 206 18.72 8.63 -5.87
CA MET A 206 17.42 8.60 -5.20
C MET A 206 17.58 8.91 -3.72
N ILE A 207 16.88 9.92 -3.23
CA ILE A 207 16.82 10.14 -1.80
C ILE A 207 15.83 9.16 -1.17
N GLN A 208 16.36 8.00 -0.73
CA GLN A 208 15.55 6.90 -0.20
C GLN A 208 15.16 7.14 1.26
N ASP A 209 14.40 8.21 1.47
CA ASP A 209 14.00 8.66 2.80
C ASP A 209 13.04 9.85 2.68
N SER A 210 12.09 9.94 3.60
CA SER A 210 11.00 10.92 3.49
C SER A 210 11.11 12.14 4.41
N GLY A 211 12.22 12.23 5.13
CA GLY A 211 12.46 13.40 5.97
C GLY A 211 12.48 14.64 5.12
N LYS A 212 12.03 15.77 5.67
CA LYS A 212 12.07 17.04 4.94
C LYS A 212 13.51 17.45 4.77
N VAL A 213 13.99 17.43 3.53
CA VAL A 213 15.38 17.76 3.23
C VAL A 213 15.60 19.24 2.98
N ASN A 214 16.68 19.77 3.54
CA ASN A 214 17.15 21.12 3.21
C ASN A 214 18.24 20.99 2.15
N PRO A 215 18.06 21.66 1.01
CA PRO A 215 19.06 21.56 -0.07
C PRO A 215 20.44 21.90 0.47
N LYS A 216 20.47 22.56 1.62
CA LYS A 216 21.71 23.02 2.23
C LYS A 216 22.67 21.89 2.61
N ASP A 217 22.31 20.65 2.29
CA ASP A 217 23.25 19.54 2.46
C ASP A 217 23.18 18.48 1.35
N LEU A 218 22.88 18.92 0.13
CA LEU A 218 23.00 18.05 -1.04
C LEU A 218 24.23 18.44 -1.85
N ASP A 219 24.67 17.54 -2.73
CA ASP A 219 25.83 17.80 -3.57
C ASP A 219 25.43 18.17 -5.00
N SER A 220 25.75 19.39 -5.40
CA SER A 220 25.34 19.94 -6.70
C SER A 220 25.85 19.13 -7.88
N LYS A 221 26.65 18.11 -7.60
CA LYS A 221 27.13 17.25 -8.68
C LYS A 221 26.06 16.30 -9.22
N TYR A 222 24.96 16.16 -8.49
CA TYR A 222 23.99 15.09 -8.80
C TYR A 222 22.54 15.53 -8.94
N ALA A 223 21.78 14.76 -9.71
CA ALA A 223 20.33 14.95 -9.76
C ALA A 223 19.71 14.10 -8.66
N TYR A 224 18.94 14.72 -7.77
CA TYR A 224 18.25 14.02 -6.67
C TYR A 224 16.71 13.89 -6.83
N ILE A 225 16.18 12.67 -6.78
CA ILE A 225 14.73 12.40 -6.81
C ILE A 225 14.28 11.78 -5.49
N GLN A 226 13.31 12.40 -4.82
CA GLN A 226 12.78 11.87 -3.57
C GLN A 226 11.35 11.33 -3.74
N VAL A 227 11.16 10.03 -3.49
CA VAL A 227 9.85 9.37 -3.63
C VAL A 227 9.23 8.88 -2.30
N THR A 228 7.97 9.23 -2.06
CA THR A 228 7.28 8.92 -0.80
C THR A 228 5.85 8.41 -1.02
N HIS A 229 5.56 7.21 -0.52
CA HIS A 229 4.19 6.69 -0.62
C HIS A 229 3.26 7.49 0.26
N VAL A 230 2.17 7.96 -0.33
CA VAL A 230 1.17 8.73 0.42
C VAL A 230 -0.22 8.15 0.15
N ILE A 231 -1.17 8.35 1.08
CA ILE A 231 -2.54 7.89 0.84
C ILE A 231 -3.52 9.04 0.94
N PRO A 232 -4.69 8.91 0.28
CA PRO A 232 -5.69 9.98 0.34
C PRO A 232 -6.00 10.31 1.79
N PHE A 233 -6.16 11.59 2.07
CA PHE A 233 -6.43 12.05 3.43
C PHE A 233 -7.79 12.73 3.48
N PHE A 234 -8.53 12.49 4.54
CA PHE A 234 -9.86 13.08 4.67
C PHE A 234 -10.10 13.46 6.11
N ASP A 235 -10.77 14.59 6.33
CA ASP A 235 -11.18 14.97 7.68
C ASP A 235 -12.50 14.27 8.00
N GLU A 236 -12.96 14.40 9.25
CA GLU A 236 -14.14 13.67 9.72
C GLU A 236 -15.40 13.97 8.90
N LYS A 237 -15.56 15.23 8.55
CA LYS A 237 -16.67 15.66 7.73
C LYS A 237 -16.59 15.02 6.35
N GLU A 238 -15.40 15.06 5.74
CA GLU A 238 -15.19 14.42 4.45
C GLU A 238 -15.46 12.93 4.53
N LEU A 239 -15.07 12.30 5.64
CA LEU A 239 -15.30 10.88 5.82
C LEU A 239 -16.78 10.56 5.98
N GLN A 240 -17.55 11.57 6.39
CA GLN A 240 -18.98 11.39 6.54
C GLN A 240 -19.61 11.56 5.18
N GLU A 241 -19.10 12.51 4.40
CA GLU A 241 -19.63 12.77 3.06
C GLU A 241 -19.23 11.70 2.06
N ARG A 242 -18.02 11.18 2.20
CA ARG A 242 -17.53 10.17 1.29
C ARG A 242 -17.76 8.81 1.92
N LYS A 243 -18.90 8.19 1.60
CA LYS A 243 -19.33 7.03 2.37
C LYS A 243 -18.75 5.69 1.89
N THR A 244 -18.42 5.61 0.60
CA THR A 244 -17.92 4.37 0.04
C THR A 244 -16.41 4.44 -0.26
N GLU A 245 -15.82 3.27 -0.52
CA GLU A 245 -14.43 3.21 -0.95
C GLU A 245 -14.21 3.96 -2.27
N PHE A 246 -15.15 3.84 -3.21
CA PHE A 246 -15.06 4.63 -4.44
C PHE A 246 -15.02 6.13 -4.15
N GLU A 247 -15.96 6.61 -3.34
CA GLU A 247 -16.04 8.07 -3.12
C GLU A 247 -14.77 8.59 -2.43
N ARG A 248 -13.99 7.67 -1.86
CA ARG A 248 -12.73 8.02 -1.21
C ARG A 248 -11.53 7.81 -2.13
N SER A 249 -11.84 7.55 -3.40
CA SER A 249 -10.86 7.18 -4.41
C SER A 249 -11.03 8.03 -5.64
N HIS A 250 -11.95 8.98 -5.56
CA HIS A 250 -12.29 9.80 -6.71
C HIS A 250 -12.43 11.24 -6.30
N ASN A 251 -11.97 12.15 -7.14
CA ASN A 251 -11.93 13.57 -6.80
C ASN A 251 -11.17 13.83 -5.50
N ILE A 252 -9.95 13.31 -5.43
CA ILE A 252 -9.14 13.47 -4.23
C ILE A 252 -7.99 14.47 -4.47
N ARG A 253 -7.86 15.41 -3.53
CA ARG A 253 -6.88 16.49 -3.61
C ARG A 253 -5.80 16.46 -2.50
N ARG A 254 -6.06 15.71 -1.43
CA ARG A 254 -5.15 15.72 -0.28
C ARG A 254 -4.59 14.34 0.05
N PHE A 255 -3.31 14.29 0.40
CA PHE A 255 -2.63 13.03 0.66
C PHE A 255 -1.74 13.17 1.90
N MET A 256 -1.30 12.05 2.43
CA MET A 256 -0.66 12.07 3.74
C MET A 256 0.28 10.90 3.95
N PHE A 257 1.34 11.15 4.71
CA PHE A 257 2.24 10.10 5.17
C PHE A 257 2.66 10.42 6.60
N GLU A 258 3.27 9.44 7.24
CA GLU A 258 3.77 9.64 8.61
C GLU A 258 5.26 9.33 8.68
N MET A 259 5.98 10.09 9.50
CA MET A 259 7.38 9.76 9.81
C MET A 259 7.57 9.66 11.33
N PRO A 260 8.50 8.80 11.75
CA PRO A 260 8.82 8.67 13.16
C PRO A 260 9.80 9.76 13.59
N PHE A 261 9.62 10.30 14.80
CA PHE A 261 10.66 11.12 15.42
C PHE A 261 10.57 11.05 16.94
N THR A 262 11.67 11.40 17.60
CA THR A 262 11.68 11.62 19.04
C THR A 262 12.19 13.04 19.26
N GLN A 263 11.79 13.65 20.37
CA GLN A 263 12.25 15.01 20.66
C GLN A 263 13.78 15.05 20.80
N THR A 264 14.33 14.01 21.42
CA THR A 264 15.77 13.95 21.72
C THR A 264 16.65 13.55 20.55
N GLY A 265 16.73 12.23 20.29
CA GLY A 265 17.70 11.73 19.34
C GLY A 265 17.17 11.07 18.08
N LYS A 266 17.44 9.78 17.94
CA LYS A 266 17.07 9.01 16.76
C LYS A 266 15.58 9.16 16.43
N ARG A 267 15.17 8.57 15.30
CA ARG A 267 13.79 8.65 14.86
C ARG A 267 12.92 7.61 15.53
N GLN A 268 13.51 6.45 15.81
CA GLN A 268 12.84 5.43 16.61
C GLN A 268 13.35 5.40 18.05
N GLY A 269 12.49 5.01 18.98
CA GLY A 269 12.85 4.93 20.37
C GLY A 269 11.84 4.15 21.16
N GLY A 270 11.96 4.22 22.48
CA GLY A 270 11.04 3.53 23.37
C GLY A 270 9.64 4.13 23.27
N VAL A 271 8.64 3.32 23.54
CA VAL A 271 7.26 3.77 23.43
C VAL A 271 7.02 5.04 24.23
N GLU A 272 7.85 5.30 25.23
CA GLU A 272 7.66 6.48 26.06
C GLU A 272 8.16 7.73 25.36
N GLU A 273 8.93 7.55 24.30
CA GLU A 273 9.56 8.69 23.61
C GLU A 273 9.21 8.78 22.12
N GLN A 274 8.48 7.80 21.60
CA GLN A 274 8.21 7.73 20.17
C GLN A 274 7.14 8.72 19.71
N CYS A 275 7.53 9.69 18.89
CA CYS A 275 6.58 10.65 18.32
C CYS A 275 6.32 10.38 16.84
N LYS A 276 5.31 11.03 16.30
CA LYS A 276 4.94 10.80 14.91
C LYS A 276 4.54 12.12 14.26
N ARG A 277 5.18 12.45 13.14
CA ARG A 277 4.78 13.63 12.38
C ARG A 277 3.95 13.20 11.18
N ARG A 278 2.74 13.73 11.11
CA ARG A 278 1.83 13.45 10.01
C ARG A 278 1.74 14.66 9.09
N THR A 279 2.19 14.49 7.85
CA THR A 279 2.22 15.57 6.86
C THR A 279 1.08 15.46 5.86
N ILE A 280 0.29 16.53 5.72
CA ILE A 280 -0.79 16.56 4.73
C ILE A 280 -0.43 17.46 3.57
N LEU A 281 -0.49 16.90 2.35
CA LEU A 281 -0.15 17.60 1.12
C LEU A 281 -1.40 17.86 0.27
N THR A 282 -1.52 19.10 -0.22
CA THR A 282 -2.63 19.46 -1.10
C THR A 282 -2.16 19.73 -2.53
N ALA A 283 -2.71 19.01 -3.50
CA ALA A 283 -2.39 19.20 -4.92
C ALA A 283 -3.22 20.35 -5.48
N ILE A 284 -2.76 20.97 -6.57
CA ILE A 284 -3.45 22.11 -7.16
C ILE A 284 -4.74 21.66 -7.85
N HIS A 285 -4.75 20.42 -8.33
CA HIS A 285 -5.94 19.79 -8.89
C HIS A 285 -6.27 18.50 -8.16
N CYS A 286 -7.51 18.02 -8.30
CA CYS A 286 -7.91 16.72 -7.79
C CYS A 286 -7.50 15.62 -8.76
N PHE A 287 -7.39 14.40 -8.25
CA PHE A 287 -7.26 13.20 -9.07
C PHE A 287 -8.62 12.48 -9.15
N PRO A 288 -8.93 11.86 -10.31
CA PRO A 288 -8.08 11.80 -11.50
C PRO A 288 -8.12 13.13 -12.27
N TYR A 289 -7.11 13.38 -13.10
CA TYR A 289 -6.95 14.64 -13.84
C TYR A 289 -6.54 14.27 -15.27
N VAL A 290 -6.36 15.26 -16.13
CA VAL A 290 -5.89 15.01 -17.51
C VAL A 290 -4.38 14.70 -17.59
N LYS A 291 -3.71 14.75 -16.44
CA LYS A 291 -2.31 14.31 -16.30
C LYS A 291 -2.16 13.35 -15.10
N LYS A 292 -1.18 12.45 -15.16
CA LYS A 292 -0.97 11.49 -14.07
C LYS A 292 -0.08 12.03 -12.93
N ARG A 293 0.43 13.25 -13.07
CA ARG A 293 1.07 13.91 -11.95
C ARG A 293 0.53 15.33 -11.81
N ILE A 294 0.53 15.85 -10.58
CA ILE A 294 -0.06 17.15 -10.29
C ILE A 294 0.79 17.86 -9.24
N PRO A 295 1.14 19.13 -9.50
CA PRO A 295 1.91 19.91 -8.51
C PRO A 295 1.25 19.98 -7.13
N VAL A 296 2.09 19.86 -6.12
CA VAL A 296 1.69 20.12 -4.75
C VAL A 296 1.47 21.62 -4.57
N MET A 297 0.31 22.00 -4.06
CA MET A 297 -0.04 23.41 -3.92
C MET A 297 0.34 23.96 -2.56
N TYR A 298 0.29 23.10 -1.55
CA TYR A 298 0.43 23.54 -0.17
C TYR A 298 0.61 22.33 0.75
N GLN A 299 1.22 22.55 1.91
CA GLN A 299 1.32 21.48 2.90
C GLN A 299 1.49 21.98 4.33
N HIS A 300 1.05 21.13 5.26
CA HIS A 300 1.21 21.39 6.68
C HIS A 300 1.43 20.06 7.39
N HIS A 301 1.83 20.10 8.66
CA HIS A 301 1.97 18.87 9.43
C HIS A 301 1.44 18.97 10.86
N THR A 302 1.30 17.82 11.51
CA THR A 302 0.81 17.73 12.87
C THR A 302 1.63 16.67 13.59
N ASP A 303 2.21 17.05 14.72
CA ASP A 303 3.02 16.13 15.52
C ASP A 303 2.16 15.45 16.59
N LEU A 304 2.44 14.18 16.84
CA LEU A 304 1.70 13.40 17.82
C LEU A 304 2.64 12.95 18.94
N ASN A 305 2.13 12.97 20.17
CA ASN A 305 2.90 12.55 21.34
C ASN A 305 3.00 11.04 21.44
N PRO A 306 3.94 10.54 22.26
CA PRO A 306 4.07 9.09 22.45
C PRO A 306 2.75 8.41 22.83
N ILE A 307 1.96 9.02 23.69
CA ILE A 307 0.72 8.38 24.09
C ILE A 307 -0.29 8.46 22.96
N GLU A 308 -0.27 9.55 22.20
CA GLU A 308 -1.19 9.69 21.08
C GLU A 308 -0.87 8.64 20.02
N VAL A 309 0.42 8.41 19.81
CA VAL A 309 0.90 7.35 18.93
C VAL A 309 0.33 6.01 19.39
N ALA A 310 0.39 5.76 20.70
CA ALA A 310 -0.12 4.52 21.28
C ALA A 310 -1.61 4.37 21.01
N ILE A 311 -2.38 5.39 21.37
CA ILE A 311 -3.81 5.37 21.12
C ILE A 311 -4.09 5.10 19.64
N ASP A 312 -3.34 5.79 18.78
CA ASP A 312 -3.53 5.69 17.34
C ASP A 312 -3.37 4.25 16.87
N GLU A 313 -2.24 3.63 17.22
CA GLU A 313 -1.96 2.28 16.77
C GLU A 313 -2.89 1.25 17.39
N MET A 314 -3.28 1.46 18.64
CA MET A 314 -4.23 0.56 19.30
C MET A 314 -5.60 0.60 18.62
N SER A 315 -6.06 1.81 18.29
CA SER A 315 -7.37 1.96 17.64
C SER A 315 -7.39 1.33 16.25
N LYS A 316 -6.27 1.35 15.55
CA LYS A 316 -6.23 0.72 14.25
C LYS A 316 -6.39 -0.78 14.39
N LYS A 317 -5.75 -1.37 15.41
CA LYS A 317 -5.84 -2.80 15.62
C LYS A 317 -7.26 -3.29 15.99
N VAL A 318 -7.92 -2.59 16.92
CA VAL A 318 -9.27 -2.98 17.32
C VAL A 318 -10.20 -2.96 16.11
N ALA A 319 -10.19 -1.86 15.38
CA ALA A 319 -11.00 -1.72 14.18
C ALA A 319 -10.73 -2.85 13.18
N GLU A 320 -9.46 -3.23 13.08
CA GLU A 320 -9.03 -4.27 12.16
C GLU A 320 -9.57 -5.63 12.59
N LEU A 321 -9.45 -5.93 13.88
CA LEU A 321 -9.94 -7.18 14.43
C LEU A 321 -11.48 -7.22 14.36
N ARG A 322 -12.12 -6.10 14.71
CA ARG A 322 -13.56 -6.01 14.63
C ARG A 322 -14.04 -6.31 13.23
N GLN A 323 -13.48 -5.59 12.25
CA GLN A 323 -13.93 -5.71 10.87
C GLN A 323 -13.76 -7.13 10.36
N LEU A 324 -12.69 -7.80 10.77
CA LEU A 324 -12.45 -9.18 10.37
C LEU A 324 -13.49 -10.12 10.97
N CYS A 325 -13.90 -9.83 12.20
CA CYS A 325 -14.90 -10.60 12.91
C CYS A 325 -16.31 -10.31 12.39
N SER A 326 -16.64 -9.02 12.30
CA SER A 326 -17.97 -8.59 11.88
C SER A 326 -18.33 -9.21 10.54
N SER A 327 -17.33 -9.70 9.83
CA SER A 327 -17.55 -10.32 8.53
C SER A 327 -18.47 -11.53 8.64
N ALA A 328 -19.41 -11.62 7.71
CA ALA A 328 -20.16 -12.85 7.55
C ALA A 328 -19.32 -13.82 6.71
N GLU A 329 -18.49 -13.24 5.83
CA GLU A 329 -17.63 -14.03 4.94
C GLU A 329 -16.20 -14.08 5.47
N VAL A 330 -16.06 -14.32 6.78
CA VAL A 330 -14.76 -14.30 7.47
C VAL A 330 -13.59 -14.95 6.72
N ASP A 331 -12.48 -14.21 6.62
CA ASP A 331 -11.22 -14.72 6.10
C ASP A 331 -10.44 -15.33 7.28
N MET A 332 -10.32 -16.66 7.32
CA MET A 332 -9.72 -17.34 8.48
C MET A 332 -8.22 -17.05 8.64
N ILE A 333 -7.48 -17.12 7.55
CA ILE A 333 -6.05 -16.84 7.58
C ILE A 333 -5.75 -15.40 8.00
N LYS A 334 -6.42 -14.43 7.39
CA LYS A 334 -6.25 -13.04 7.78
C LYS A 334 -6.65 -12.78 9.24
N LEU A 335 -7.68 -13.47 9.72
CA LEU A 335 -8.05 -13.33 11.12
C LEU A 335 -6.92 -13.81 12.02
N GLN A 336 -6.41 -15.00 11.71
CA GLN A 336 -5.35 -15.60 12.52
C GLN A 336 -4.08 -14.74 12.48
N LEU A 337 -3.74 -14.25 11.30
CA LEU A 337 -2.59 -13.38 11.13
C LEU A 337 -2.69 -12.18 12.09
N LYS A 338 -3.79 -11.43 11.99
CA LYS A 338 -3.95 -10.25 12.81
C LYS A 338 -4.11 -10.61 14.28
N LEU A 339 -4.82 -11.69 14.55
CA LEU A 339 -5.04 -12.16 15.92
C LEU A 339 -3.76 -12.63 16.60
N GLN A 340 -3.02 -13.51 15.91
CA GLN A 340 -1.75 -14.01 16.44
C GLN A 340 -0.74 -12.87 16.67
N GLY A 341 -0.79 -11.87 15.79
CA GLY A 341 0.13 -10.75 15.91
C GLY A 341 -0.35 -9.77 16.97
N SER A 342 -1.45 -10.12 17.61
CA SER A 342 -2.03 -9.29 18.68
C SER A 342 -1.78 -9.88 20.07
N VAL A 343 -1.87 -11.20 20.20
CA VAL A 343 -1.71 -11.83 21.51
C VAL A 343 -0.43 -12.67 21.69
N SER A 344 0.02 -13.33 20.63
CA SER A 344 1.22 -14.17 20.72
C SER A 344 2.47 -13.47 20.15
N VAL A 345 2.96 -12.45 20.86
CA VAL A 345 4.16 -11.75 20.42
C VAL A 345 5.42 -12.24 21.15
N ALA A 349 6.67 -8.08 26.13
CA ALA A 349 6.36 -6.82 25.46
C ALA A 349 5.01 -6.88 24.71
N GLY A 350 4.98 -6.28 23.52
CA GLY A 350 3.74 -6.15 22.77
C GLY A 350 2.95 -4.98 23.29
N PRO A 351 1.62 -4.98 23.04
CA PRO A 351 0.67 -3.95 23.48
C PRO A 351 0.85 -3.58 24.94
N LEU A 352 1.22 -4.58 25.74
CA LEU A 352 1.47 -4.37 27.16
C LEU A 352 2.40 -3.20 27.41
N ALA A 353 3.41 -3.05 26.55
CA ALA A 353 4.38 -1.98 26.68
C ALA A 353 3.69 -0.62 26.80
N TYR A 354 2.60 -0.45 26.07
CA TYR A 354 1.81 0.77 26.19
C TYR A 354 1.21 0.86 27.59
N ALA A 355 0.42 -0.14 27.96
CA ALA A 355 -0.20 -0.18 29.28
C ALA A 355 0.81 0.15 30.38
N ARG A 356 1.94 -0.55 30.36
CA ARG A 356 2.98 -0.32 31.35
C ARG A 356 3.39 1.15 31.42
N ALA A 357 3.75 1.73 30.28
CA ALA A 357 4.26 3.10 30.26
C ALA A 357 3.18 4.18 30.44
N PHE A 358 1.92 3.81 30.20
CA PHE A 358 0.85 4.80 30.16
C PHE A 358 -0.33 4.55 31.09
N LEU A 359 -0.35 3.40 31.75
CA LEU A 359 -1.52 3.05 32.55
C LEU A 359 -1.23 2.50 33.96
N ASP A 360 -0.03 2.76 34.47
CA ASP A 360 0.27 2.38 35.85
C ASP A 360 0.67 3.55 36.74
N ASP A 361 0.33 3.42 38.03
CA ASP A 361 0.69 4.42 39.02
C ASP A 361 2.20 4.49 39.21
N PRO A 368 2.04 12.58 32.59
CA PRO A 368 0.85 11.75 32.39
C PRO A 368 -0.19 12.42 31.48
N ASP A 369 -1.35 12.80 32.04
CA ASP A 369 -2.41 13.55 31.35
C ASP A 369 -3.73 12.77 31.27
N ASN A 370 -4.77 13.32 31.88
CA ASN A 370 -6.04 12.62 32.03
C ASN A 370 -6.83 12.32 30.75
N LYS A 371 -6.25 12.61 29.59
CA LYS A 371 -6.84 12.15 28.34
C LYS A 371 -6.84 10.63 28.39
N VAL A 372 -5.99 10.10 29.28
CA VAL A 372 -5.78 8.66 29.47
C VAL A 372 -7.06 7.82 29.45
N LYS A 373 -8.19 8.45 29.69
CA LYS A 373 -9.47 7.75 29.64
C LYS A 373 -9.63 7.00 28.32
N LEU A 374 -9.10 7.58 27.25
CA LEU A 374 -9.27 7.02 25.91
C LEU A 374 -8.45 5.76 25.69
N LEU A 375 -7.19 5.78 26.12
CA LEU A 375 -6.32 4.62 25.99
C LEU A 375 -6.99 3.42 26.66
N LYS A 376 -7.34 3.57 27.92
CA LYS A 376 -8.02 2.53 28.65
C LYS A 376 -9.22 1.97 27.86
N GLU A 377 -10.00 2.86 27.26
CA GLU A 377 -11.21 2.45 26.54
C GLU A 377 -10.91 1.69 25.24
N VAL A 378 -9.78 2.01 24.61
CA VAL A 378 -9.38 1.31 23.40
C VAL A 378 -8.90 -0.08 23.79
N PHE A 379 -8.16 -0.14 24.89
CA PHE A 379 -7.68 -1.40 25.42
C PHE A 379 -8.84 -2.33 25.75
N ARG A 380 -9.90 -1.79 26.34
CA ARG A 380 -11.09 -2.57 26.66
C ARG A 380 -11.68 -3.19 25.41
N GLN A 381 -11.87 -2.38 24.38
CA GLN A 381 -12.37 -2.87 23.10
C GLN A 381 -11.39 -3.85 22.48
N PHE A 382 -10.12 -3.69 22.82
CA PHE A 382 -9.04 -4.54 22.32
C PHE A 382 -9.15 -5.97 22.86
N VAL A 383 -9.22 -6.08 24.18
CA VAL A 383 -9.44 -7.38 24.82
C VAL A 383 -10.73 -8.05 24.32
N GLU A 384 -11.79 -7.27 24.16
CA GLU A 384 -13.06 -7.80 23.65
C GLU A 384 -12.92 -8.37 22.24
N ALA A 385 -12.36 -7.58 21.32
CA ALA A 385 -12.18 -8.01 19.93
C ALA A 385 -11.26 -9.22 19.82
N CYS A 386 -10.17 -9.21 20.58
CA CYS A 386 -9.30 -10.37 20.62
C CYS A 386 -10.12 -11.58 21.06
N GLY A 387 -10.90 -11.40 22.12
CA GLY A 387 -11.78 -12.44 22.61
C GLY A 387 -12.74 -12.93 21.54
N GLN A 388 -13.37 -11.99 20.85
CA GLN A 388 -14.33 -12.31 19.79
C GLN A 388 -13.65 -13.07 18.66
N ALA A 389 -12.41 -12.71 18.37
CA ALA A 389 -11.67 -13.34 17.28
C ALA A 389 -11.24 -14.73 17.69
N LEU A 390 -10.81 -14.87 18.93
CA LEU A 390 -10.54 -16.18 19.48
C LEU A 390 -11.77 -17.06 19.28
N ALA A 391 -12.92 -16.53 19.71
CA ALA A 391 -14.19 -17.23 19.51
C ALA A 391 -14.39 -17.61 18.06
N VAL A 392 -14.42 -16.60 17.18
CA VAL A 392 -14.67 -16.85 15.76
C VAL A 392 -13.80 -17.99 15.23
N ASN A 393 -12.55 -17.99 15.67
CA ASN A 393 -11.56 -18.91 15.13
C ASN A 393 -11.76 -20.36 15.62
N GLU A 394 -12.15 -20.50 16.89
CA GLU A 394 -12.44 -21.81 17.46
C GLU A 394 -13.41 -22.57 16.56
N ARG A 395 -14.25 -21.81 15.87
CA ARG A 395 -15.27 -22.39 15.00
C ARG A 395 -14.77 -22.58 13.56
N LEU A 396 -13.52 -22.18 13.32
CA LEU A 396 -13.01 -22.22 11.94
C LEU A 396 -11.97 -23.32 11.66
N ILE A 397 -11.27 -23.79 12.70
CA ILE A 397 -10.12 -24.67 12.47
C ILE A 397 -10.47 -26.13 12.24
N LYS A 398 -9.58 -26.83 11.54
CA LYS A 398 -9.76 -28.25 11.26
C LYS A 398 -8.84 -29.14 12.10
N GLU A 399 -8.70 -28.81 13.38
CA GLU A 399 -7.98 -29.69 14.33
C GLU A 399 -6.48 -29.78 14.07
N ASP A 400 -6.09 -29.79 12.80
CA ASP A 400 -4.68 -29.69 12.46
C ASP A 400 -4.08 -28.50 13.21
N GLN A 401 -4.95 -27.55 13.57
CA GLN A 401 -4.58 -26.49 14.50
C GLN A 401 -4.98 -26.88 15.94
N LEU A 402 -5.93 -26.18 16.53
CA LEU A 402 -6.39 -26.51 17.87
C LEU A 402 -5.32 -26.27 18.95
N GLU A 403 -4.12 -26.80 18.73
CA GLU A 403 -2.98 -26.57 19.63
C GLU A 403 -2.51 -25.12 19.49
N TYR A 404 -2.48 -24.66 18.25
CA TYR A 404 -2.20 -23.27 17.89
C TYR A 404 -3.22 -22.35 18.56
N GLN A 405 -4.49 -22.59 18.27
CA GLN A 405 -5.61 -21.89 18.89
C GLN A 405 -5.51 -21.87 20.41
N GLU A 406 -5.19 -23.02 20.98
CA GLU A 406 -5.08 -23.14 22.44
C GLU A 406 -3.99 -22.25 23.00
N GLU A 407 -2.83 -22.24 22.34
CA GLU A 407 -1.73 -21.36 22.74
C GLU A 407 -2.15 -19.89 22.69
N MET A 408 -2.76 -19.50 21.57
CA MET A 408 -3.27 -18.14 21.43
C MET A 408 -4.30 -17.84 22.51
N LYS A 409 -5.13 -18.82 22.85
CA LYS A 409 -6.08 -18.68 23.94
C LYS A 409 -5.33 -18.54 25.25
N ALA A 410 -4.35 -19.41 25.48
CA ALA A 410 -3.44 -19.24 26.59
C ALA A 410 -2.90 -17.81 26.63
N ASN A 411 -2.02 -17.47 25.67
CA ASN A 411 -1.43 -16.14 25.59
C ASN A 411 -2.44 -15.01 25.86
N TYR A 412 -3.55 -15.06 25.13
CA TYR A 412 -4.58 -14.03 25.29
C TYR A 412 -4.97 -13.86 26.74
N ARG A 413 -5.35 -14.97 27.36
CA ARG A 413 -5.89 -14.96 28.71
C ARG A 413 -4.85 -14.39 29.68
N GLU A 414 -3.59 -14.79 29.45
CA GLU A 414 -2.48 -14.31 30.26
C GLU A 414 -2.32 -12.80 30.23
N MET A 415 -2.40 -12.21 29.03
CA MET A 415 -2.26 -10.76 28.93
C MET A 415 -3.46 -10.00 29.52
N ALA A 416 -4.66 -10.54 29.32
CA ALA A 416 -5.84 -9.97 29.95
C ALA A 416 -5.58 -9.83 31.45
N LYS A 417 -4.93 -10.82 32.03
CA LYS A 417 -4.61 -10.80 33.45
C LYS A 417 -3.83 -9.55 33.80
N GLU A 418 -2.69 -9.34 33.13
CA GLU A 418 -1.81 -8.22 33.41
C GLU A 418 -2.49 -6.87 33.19
N LEU A 419 -3.33 -6.78 32.17
CA LEU A 419 -4.06 -5.55 31.93
C LEU A 419 -5.00 -5.32 33.10
N SER A 420 -5.88 -6.28 33.35
CA SER A 420 -6.79 -6.23 34.49
C SER A 420 -6.05 -5.81 35.76
N GLU A 421 -4.82 -6.30 35.91
CA GLU A 421 -3.99 -5.92 37.04
C GLU A 421 -3.65 -4.43 37.03
N ILE A 422 -2.91 -4.00 36.00
CA ILE A 422 -2.43 -2.62 35.93
C ILE A 422 -3.56 -1.61 35.93
N MET A 423 -4.66 -1.96 35.26
CA MET A 423 -5.82 -1.07 35.16
C MET A 423 -6.71 -1.19 36.38
N HIS A 424 -6.36 -2.09 37.29
CA HIS A 424 -7.18 -2.39 38.45
C HIS A 424 -8.65 -2.48 38.05
N GLU A 425 -8.96 -3.46 37.20
CA GLU A 425 -10.34 -3.76 36.81
C GLU A 425 -10.38 -5.07 36.04
N GLN A 426 -11.56 -5.43 35.53
CA GLN A 426 -11.73 -6.71 34.84
C GLN A 426 -11.14 -6.69 33.42
N LEU A 427 -11.02 -7.88 32.84
CA LEU A 427 -10.68 -8.04 31.42
C LEU A 427 -10.37 -9.49 31.10
N HIS B 2 -14.79 -13.13 -4.08
CA HIS B 2 -13.93 -12.63 -3.00
C HIS B 2 -12.48 -13.09 -3.18
N MET B 3 -11.55 -12.29 -2.69
CA MET B 3 -10.12 -12.52 -2.92
C MET B 3 -9.56 -13.68 -2.09
N GLN B 4 -8.76 -14.53 -2.73
CA GLN B 4 -8.07 -15.61 -2.02
C GLN B 4 -6.94 -15.06 -1.13
N THR B 5 -6.72 -15.70 0.01
CA THR B 5 -5.71 -15.29 0.97
C THR B 5 -4.64 -16.36 1.14
N ILE B 6 -3.38 -15.97 0.89
CA ILE B 6 -2.29 -16.94 0.88
C ILE B 6 -1.42 -16.86 2.13
N LYS B 7 -1.16 -17.99 2.76
CA LYS B 7 -0.34 -17.99 3.97
C LYS B 7 1.15 -18.09 3.65
N CYS B 8 1.88 -17.04 3.97
CA CYS B 8 3.33 -17.03 3.80
C CYS B 8 4.00 -16.91 5.16
N VAL B 9 4.84 -17.89 5.49
CA VAL B 9 5.55 -17.88 6.75
C VAL B 9 7.05 -17.68 6.51
N VAL B 10 7.64 -16.79 7.30
CA VAL B 10 9.01 -16.38 7.10
C VAL B 10 9.88 -16.91 8.23
N VAL B 11 10.89 -17.70 7.88
CA VAL B 11 11.79 -18.29 8.86
C VAL B 11 13.25 -18.02 8.52
N GLY B 12 14.12 -18.19 9.50
CA GLY B 12 15.53 -17.88 9.33
C GLY B 12 16.17 -17.36 10.61
N ASP B 13 17.50 -17.39 10.65
CA ASP B 13 18.26 -16.93 11.80
C ASP B 13 17.85 -15.53 12.24
N GLY B 14 17.97 -15.26 13.53
CA GLY B 14 17.76 -13.92 14.03
C GLY B 14 18.68 -12.96 13.31
N ALA B 15 18.17 -11.77 13.03
CA ALA B 15 18.99 -10.68 12.47
C ALA B 15 19.36 -10.83 11.00
N VAL B 16 18.74 -11.75 10.27
CA VAL B 16 19.02 -11.81 8.84
C VAL B 16 18.21 -10.74 8.13
N GLY B 17 17.12 -10.33 8.78
CA GLY B 17 16.31 -9.25 8.25
C GLY B 17 14.89 -9.62 7.89
N LYS B 18 14.35 -10.65 8.55
CA LYS B 18 12.99 -11.10 8.27
C LYS B 18 11.96 -9.98 8.43
N THR B 19 11.95 -9.37 9.60
CA THR B 19 10.96 -8.34 9.90
C THR B 19 11.12 -7.11 9.00
N CYS B 20 12.36 -6.73 8.70
CA CYS B 20 12.60 -5.55 7.88
C CYS B 20 12.03 -5.65 6.47
N LEU B 21 12.27 -6.77 5.80
CA LEU B 21 11.71 -6.95 4.47
C LEU B 21 10.18 -7.12 4.49
N LEU B 22 9.64 -7.63 5.58
CA LEU B 22 8.18 -7.67 5.69
C LEU B 22 7.61 -6.25 5.82
N ILE B 23 8.19 -5.45 6.71
CA ILE B 23 7.70 -4.09 6.91
C ILE B 23 7.91 -3.22 5.66
N SER B 24 9.12 -3.31 5.08
CA SER B 24 9.43 -2.52 3.89
C SER B 24 8.55 -2.86 2.69
N TYR B 25 8.29 -4.14 2.47
CA TYR B 25 7.45 -4.53 1.36
C TYR B 25 6.03 -4.00 1.55
N THR B 26 5.48 -4.20 2.75
CA THR B 26 4.06 -3.90 2.97
C THR B 26 3.80 -2.41 3.14
N THR B 27 4.80 -1.67 3.62
CA THR B 27 4.62 -0.23 3.86
C THR B 27 5.32 0.66 2.83
N ASN B 28 6.24 0.09 2.06
CA ASN B 28 7.05 0.85 1.11
C ASN B 28 8.11 1.70 1.82
N LYS B 29 8.06 1.71 3.14
CA LYS B 29 9.05 2.42 3.94
C LYS B 29 10.44 1.80 3.84
N PHE B 30 11.46 2.66 3.96
CA PHE B 30 12.83 2.23 4.17
C PHE B 30 13.04 2.14 5.67
N PRO B 31 13.95 1.26 6.11
CA PRO B 31 14.18 0.98 7.53
C PRO B 31 14.23 2.24 8.40
N SER B 32 14.94 3.27 7.95
CA SER B 32 15.09 4.50 8.73
C SER B 32 13.77 5.19 9.03
N GLU B 33 12.75 4.92 8.21
CA GLU B 33 11.47 5.62 8.36
C GLU B 33 10.40 4.83 9.11
N TYR B 34 10.76 3.66 9.65
CA TYR B 34 9.78 2.82 10.35
C TYR B 34 9.23 3.50 11.58
N VAL B 35 7.92 3.42 11.75
CA VAL B 35 7.33 3.77 13.03
C VAL B 35 7.18 2.50 13.86
N PRO B 36 7.97 2.39 14.93
CA PRO B 36 8.00 1.19 15.79
C PRO B 36 6.60 0.69 16.07
N THR B 37 6.42 -0.62 15.98
CA THR B 37 5.12 -1.23 16.21
C THR B 37 5.20 -2.29 17.30
N VAL B 38 4.09 -2.50 17.99
CA VAL B 38 4.01 -3.48 19.05
C VAL B 38 3.39 -4.79 18.57
N PHE B 39 2.86 -4.77 17.34
CA PHE B 39 2.20 -5.94 16.77
C PHE B 39 3.05 -6.66 15.72
N ASP B 40 2.65 -7.88 15.38
CA ASP B 40 3.38 -8.69 14.40
C ASP B 40 2.51 -8.97 13.20
N ASN B 41 3.16 -9.43 12.12
CA ASN B 41 2.48 -9.90 10.90
C ASN B 41 1.84 -8.82 10.06
N TYR B 42 1.66 -9.11 8.77
CA TYR B 42 1.28 -8.09 7.80
C TYR B 42 0.44 -8.67 6.69
N ALA B 43 -0.47 -7.86 6.17
CA ALA B 43 -1.34 -8.27 5.08
C ALA B 43 -1.28 -7.23 3.97
N VAL B 44 -0.94 -7.70 2.77
CA VAL B 44 -0.78 -6.80 1.64
C VAL B 44 -1.50 -7.44 0.46
N THR B 45 -2.12 -6.60 -0.37
CA THR B 45 -2.69 -7.06 -1.63
C THR B 45 -1.61 -7.01 -2.73
N VAL B 46 -1.58 -8.06 -3.56
CA VAL B 46 -0.57 -8.18 -4.60
C VAL B 46 -1.19 -8.54 -5.93
N MET B 47 -0.62 -8.01 -7.01
CA MET B 47 -1.13 -8.26 -8.35
C MET B 47 -0.29 -9.27 -9.11
N ILE B 48 -0.85 -10.46 -9.33
CA ILE B 48 -0.15 -11.51 -10.06
C ILE B 48 -0.98 -12.03 -11.24
N GLY B 49 -0.43 -11.91 -12.44
CA GLY B 49 -1.10 -12.39 -13.63
C GLY B 49 -2.38 -11.63 -13.91
N GLY B 50 -2.40 -10.35 -13.52
CA GLY B 50 -3.54 -9.50 -13.76
C GLY B 50 -4.62 -9.59 -12.70
N GLU B 51 -4.48 -10.53 -11.78
CA GLU B 51 -5.44 -10.70 -10.69
C GLU B 51 -4.82 -10.29 -9.35
N PRO B 52 -5.66 -9.78 -8.44
CA PRO B 52 -5.21 -9.41 -7.10
C PRO B 52 -5.22 -10.60 -6.17
N TYR B 53 -4.28 -10.63 -5.24
CA TYR B 53 -4.29 -11.62 -4.17
C TYR B 53 -4.04 -10.94 -2.85
N THR B 54 -4.62 -11.46 -1.78
CA THR B 54 -4.25 -10.98 -0.45
C THR B 54 -3.17 -11.88 0.15
N LEU B 55 -2.03 -11.27 0.46
CA LEU B 55 -0.86 -11.97 0.98
C LEU B 55 -0.75 -11.80 2.49
N GLY B 56 -0.88 -12.91 3.23
CA GLY B 56 -0.76 -12.90 4.67
C GLY B 56 0.65 -13.29 5.11
N LEU B 57 1.32 -12.38 5.79
CA LEU B 57 2.73 -12.59 6.11
C LEU B 57 2.96 -12.84 7.59
N PHE B 58 3.27 -14.08 7.91
CA PHE B 58 3.54 -14.49 9.29
C PHE B 58 5.04 -14.43 9.58
N ASP B 59 5.39 -13.56 10.51
CA ASP B 59 6.77 -13.36 10.94
C ASP B 59 7.08 -14.41 12.01
N THR B 60 8.35 -14.72 12.21
CA THR B 60 8.74 -15.61 13.30
C THR B 60 10.04 -15.15 13.91
N ALA B 61 10.26 -15.57 15.16
CA ALA B 61 11.53 -15.35 15.83
C ALA B 61 12.56 -16.37 15.35
N GLY B 62 13.78 -15.92 15.11
CA GLY B 62 14.84 -16.80 14.64
C GLY B 62 15.63 -17.49 15.74
N GLN B 63 15.41 -17.06 16.98
CA GLN B 63 16.20 -17.57 18.10
C GLN B 63 15.75 -18.96 18.53
N GLU B 64 16.69 -19.71 19.13
CA GLU B 64 16.40 -21.06 19.60
C GLU B 64 15.36 -21.05 20.72
N ASP B 65 15.27 -19.92 21.42
CA ASP B 65 14.37 -19.80 22.57
C ASP B 65 12.90 -19.99 22.22
N TYR B 66 12.62 -20.07 20.92
CA TYR B 66 11.23 -20.19 20.47
C TYR B 66 11.01 -21.41 19.61
N ASP B 67 12.00 -22.29 19.57
CA ASP B 67 11.89 -23.53 18.81
C ASP B 67 10.59 -24.27 19.11
N ARG B 68 10.11 -24.13 20.34
CA ARG B 68 8.92 -24.85 20.77
C ARG B 68 7.64 -24.23 20.19
N LEU B 69 7.54 -22.91 20.26
CA LEU B 69 6.33 -22.19 19.84
C LEU B 69 6.24 -21.95 18.32
N ARG B 70 7.39 -21.78 17.67
CA ARG B 70 7.43 -21.37 16.28
C ARG B 70 6.58 -22.22 15.34
N PRO B 71 6.70 -23.56 15.43
CA PRO B 71 5.95 -24.42 14.50
C PRO B 71 4.43 -24.43 14.71
N LEU B 72 3.94 -23.78 15.76
CA LEU B 72 2.49 -23.70 15.96
C LEU B 72 1.85 -23.02 14.76
N SER B 73 2.53 -22.01 14.23
CA SER B 73 2.01 -21.21 13.11
C SER B 73 2.18 -21.92 11.77
N TYR B 74 2.67 -23.16 11.81
CA TYR B 74 3.02 -23.86 10.57
C TYR B 74 1.86 -24.54 9.81
N PRO B 75 0.85 -25.04 10.51
CA PRO B 75 -0.25 -25.62 9.73
C PRO B 75 -0.94 -24.60 8.81
N GLN B 76 -1.46 -25.07 7.67
CA GLN B 76 -2.22 -24.23 6.73
C GLN B 76 -1.35 -23.31 5.86
N THR B 77 -0.04 -23.36 6.07
CA THR B 77 0.88 -22.57 5.27
C THR B 77 0.87 -23.00 3.82
N ASP B 78 0.82 -22.01 2.93
CA ASP B 78 0.81 -22.27 1.50
C ASP B 78 2.22 -22.18 0.93
N VAL B 79 3.08 -21.43 1.61
CA VAL B 79 4.46 -21.31 1.17
C VAL B 79 5.35 -20.77 2.29
N PHE B 80 6.63 -21.15 2.24
CA PHE B 80 7.60 -20.71 3.21
C PHE B 80 8.68 -19.88 2.54
N LEU B 81 9.20 -18.91 3.27
CA LEU B 81 10.39 -18.18 2.84
C LEU B 81 11.47 -18.49 3.85
N VAL B 82 12.52 -19.19 3.42
CA VAL B 82 13.64 -19.46 4.30
C VAL B 82 14.75 -18.46 4.01
N CYS B 83 14.99 -17.56 4.98
CA CYS B 83 15.89 -16.43 4.76
C CYS B 83 17.28 -16.61 5.36
N PHE B 84 18.27 -16.02 4.72
CA PHE B 84 19.63 -15.95 5.26
C PHE B 84 20.26 -14.67 4.71
N SER B 85 21.19 -14.08 5.46
CA SER B 85 21.93 -12.92 4.98
C SER B 85 23.09 -13.37 4.10
N VAL B 86 23.19 -12.80 2.90
CA VAL B 86 24.27 -13.16 1.99
C VAL B 86 25.65 -12.79 2.56
N VAL B 87 25.66 -11.92 3.58
CA VAL B 87 26.92 -11.59 4.25
C VAL B 87 27.03 -12.29 5.60
N SER B 88 26.18 -13.28 5.83
CA SER B 88 26.31 -14.09 7.03
C SER B 88 26.36 -15.58 6.69
N PRO B 89 27.58 -16.11 6.54
CA PRO B 89 27.81 -17.53 6.23
C PRO B 89 27.13 -18.49 7.22
N SER B 90 27.15 -18.19 8.51
CA SER B 90 26.41 -19.02 9.47
C SER B 90 24.91 -19.01 9.17
N SER B 91 24.39 -17.87 8.71
CA SER B 91 23.00 -17.78 8.28
C SER B 91 22.77 -18.81 7.20
N PHE B 92 23.65 -18.80 6.21
CA PHE B 92 23.54 -19.69 5.08
C PHE B 92 23.48 -21.14 5.53
N GLU B 93 24.50 -21.59 6.24
CA GLU B 93 24.59 -22.96 6.72
C GLU B 93 23.33 -23.39 7.49
N ASN B 94 22.76 -22.48 8.29
CA ASN B 94 21.55 -22.79 9.07
C ASN B 94 20.35 -23.15 8.21
N VAL B 95 20.36 -22.69 6.97
CA VAL B 95 19.32 -23.06 6.02
C VAL B 95 19.29 -24.58 5.91
N LYS B 96 20.44 -25.17 5.62
CA LYS B 96 20.54 -26.62 5.46
C LYS B 96 20.47 -27.35 6.80
N GLU B 97 21.10 -26.77 7.82
CA GLU B 97 21.21 -27.43 9.13
C GLU B 97 19.94 -27.36 9.97
N LYS B 98 19.28 -26.21 9.98
CA LYS B 98 18.14 -26.05 10.87
C LYS B 98 16.82 -25.77 10.13
N TRP B 99 16.86 -24.85 9.18
CA TRP B 99 15.62 -24.28 8.64
C TRP B 99 14.81 -25.17 7.71
N VAL B 100 15.34 -25.55 6.55
CA VAL B 100 14.57 -26.44 5.69
C VAL B 100 14.24 -27.76 6.41
N PRO B 101 15.22 -28.34 7.11
CA PRO B 101 14.83 -29.51 7.92
C PRO B 101 13.58 -29.26 8.77
N GLU B 102 13.52 -28.16 9.51
CA GLU B 102 12.41 -27.91 10.42
C GLU B 102 11.09 -27.72 9.69
N ILE B 103 11.13 -27.10 8.52
CA ILE B 103 9.90 -26.82 7.78
C ILE B 103 9.45 -28.04 6.97
N THR B 104 10.40 -28.80 6.44
CA THR B 104 10.05 -30.04 5.74
C THR B 104 9.48 -31.03 6.76
N HIS B 105 9.96 -30.96 7.99
CA HIS B 105 9.49 -31.86 9.05
C HIS B 105 8.01 -31.64 9.41
N HIS B 106 7.57 -30.38 9.40
CA HIS B 106 6.17 -30.08 9.74
C HIS B 106 5.28 -30.02 8.50
N CYS B 107 5.84 -29.57 7.39
CA CYS B 107 5.05 -29.35 6.20
C CYS B 107 5.73 -29.97 4.99
N PRO B 108 5.64 -31.30 4.91
CA PRO B 108 6.33 -32.19 3.95
C PRO B 108 6.30 -31.72 2.50
N LYS B 109 5.17 -31.24 2.02
CA LYS B 109 5.10 -30.87 0.60
C LYS B 109 4.80 -29.39 0.35
N THR B 110 4.82 -28.60 1.42
CA THR B 110 4.65 -27.16 1.26
C THR B 110 5.89 -26.58 0.59
N PRO B 111 5.68 -25.76 -0.46
CA PRO B 111 6.79 -25.14 -1.21
C PRO B 111 7.54 -24.12 -0.36
N PHE B 112 8.77 -23.82 -0.75
CA PHE B 112 9.52 -22.75 -0.11
C PHE B 112 10.52 -22.17 -1.08
N LEU B 113 10.76 -20.87 -0.96
CA LEU B 113 11.81 -20.22 -1.72
C LEU B 113 12.97 -20.07 -0.78
N LEU B 114 14.16 -19.96 -1.36
CA LEU B 114 15.33 -19.56 -0.59
C LEU B 114 15.45 -18.06 -0.79
N VAL B 115 15.50 -17.31 0.31
CA VAL B 115 15.60 -15.86 0.19
C VAL B 115 16.89 -15.36 0.79
N GLY B 116 17.69 -14.69 -0.02
CA GLY B 116 18.91 -14.05 0.45
C GLY B 116 18.69 -12.57 0.76
N THR B 117 19.15 -12.15 1.93
CA THR B 117 18.88 -10.81 2.41
C THR B 117 20.12 -9.92 2.54
N GLN B 118 19.89 -8.62 2.66
CA GLN B 118 20.95 -7.65 2.91
C GLN B 118 21.99 -7.65 1.80
N ILE B 119 21.53 -7.78 0.56
CA ILE B 119 22.44 -7.82 -0.58
C ILE B 119 23.21 -6.50 -0.75
N ASP B 120 22.67 -5.43 -0.16
CA ASP B 120 23.33 -4.13 -0.22
C ASP B 120 24.68 -4.16 0.49
N LEU B 121 24.86 -5.15 1.36
CA LEU B 121 26.08 -5.25 2.16
C LEU B 121 27.17 -6.02 1.42
N ARG B 122 26.87 -6.52 0.23
CA ARG B 122 27.91 -7.11 -0.59
C ARG B 122 28.94 -6.06 -0.99
N ASP B 123 28.53 -4.80 -0.99
CA ASP B 123 29.38 -3.71 -1.43
C ASP B 123 29.98 -2.94 -0.26
N ASP B 124 29.52 -3.23 0.96
CA ASP B 124 30.00 -2.48 2.13
C ASP B 124 31.44 -2.83 2.45
N PRO B 125 32.32 -1.81 2.49
CA PRO B 125 33.74 -2.08 2.74
C PRO B 125 33.97 -2.80 4.06
N SER B 126 33.36 -2.31 5.13
CA SER B 126 33.60 -2.84 6.46
C SER B 126 33.13 -4.29 6.60
N THR B 127 32.05 -4.63 5.92
CA THR B 127 31.51 -6.00 5.94
C THR B 127 32.45 -6.94 5.20
N ILE B 128 32.75 -6.59 3.95
CA ILE B 128 33.74 -7.29 3.15
C ILE B 128 34.98 -7.62 3.98
N GLU B 129 35.44 -6.63 4.76
CA GLU B 129 36.69 -6.77 5.51
C GLU B 129 36.55 -7.73 6.69
N LYS B 130 35.44 -7.62 7.44
CA LYS B 130 35.16 -8.55 8.52
C LYS B 130 35.20 -9.97 7.99
N LEU B 131 34.61 -10.17 6.82
CA LEU B 131 34.56 -11.50 6.22
C LEU B 131 35.92 -11.99 5.75
N ALA B 132 36.74 -11.09 5.20
CA ALA B 132 38.08 -11.46 4.75
C ALA B 132 38.94 -11.98 5.91
N LYS B 133 38.89 -11.27 7.05
CA LYS B 133 39.65 -11.62 8.25
C LYS B 133 39.33 -13.02 8.76
N ASN B 134 38.24 -13.59 8.27
CA ASN B 134 37.89 -14.95 8.65
C ASN B 134 37.99 -15.86 7.44
N LYS B 135 38.60 -15.34 6.39
CA LYS B 135 38.70 -16.05 5.11
C LYS B 135 37.31 -16.42 4.59
N GLN B 136 36.48 -15.40 4.36
CA GLN B 136 35.13 -15.59 3.85
C GLN B 136 34.72 -14.49 2.87
N LYS B 137 33.71 -14.78 2.06
CA LYS B 137 33.17 -13.84 1.09
C LYS B 137 31.65 -13.88 1.15
N PRO B 138 30.98 -12.79 0.77
CA PRO B 138 29.52 -12.82 0.76
C PRO B 138 29.05 -13.94 -0.17
N ILE B 139 28.07 -14.72 0.26
CA ILE B 139 27.46 -15.71 -0.60
C ILE B 139 27.07 -15.06 -1.94
N THR B 140 27.33 -15.77 -3.03
CA THR B 140 27.01 -15.28 -4.36
C THR B 140 25.69 -15.91 -4.83
N PRO B 141 25.00 -15.25 -5.77
CA PRO B 141 23.73 -15.78 -6.31
C PRO B 141 23.87 -17.21 -6.80
N GLU B 142 25.04 -17.53 -7.37
CA GLU B 142 25.27 -18.85 -7.95
C GLU B 142 25.39 -19.93 -6.89
N THR B 143 26.13 -19.67 -5.83
CA THR B 143 26.28 -20.64 -4.77
C THR B 143 24.94 -20.82 -4.06
N ALA B 144 24.14 -19.75 -4.05
CA ALA B 144 22.79 -19.80 -3.48
C ALA B 144 21.85 -20.61 -4.37
N GLU B 145 21.94 -20.39 -5.67
CA GLU B 145 21.15 -21.18 -6.61
C GLU B 145 21.43 -22.68 -6.46
N LYS B 146 22.70 -23.04 -6.32
CA LYS B 146 23.09 -24.42 -6.06
C LYS B 146 22.33 -24.97 -4.86
N LEU B 147 22.49 -24.30 -3.72
CA LEU B 147 21.83 -24.71 -2.49
C LEU B 147 20.33 -24.91 -2.72
N ALA B 148 19.71 -23.96 -3.42
CA ALA B 148 18.27 -24.00 -3.67
C ALA B 148 17.82 -25.32 -4.30
N ARG B 149 18.45 -25.72 -5.39
CA ARG B 149 18.04 -26.97 -6.06
C ARG B 149 18.44 -28.23 -5.30
N ASP B 150 19.61 -28.21 -4.66
CA ASP B 150 20.01 -29.33 -3.82
C ASP B 150 18.95 -29.58 -2.75
N LEU B 151 18.52 -28.51 -2.09
CA LEU B 151 17.51 -28.62 -1.05
C LEU B 151 16.10 -28.67 -1.60
N LYS B 152 15.96 -28.33 -2.88
CA LYS B 152 14.68 -28.43 -3.58
C LYS B 152 13.69 -27.33 -3.17
N ALA B 153 14.16 -26.09 -3.21
CA ALA B 153 13.29 -24.94 -3.05
C ALA B 153 12.83 -24.59 -4.45
N VAL B 154 11.63 -24.03 -4.59
CA VAL B 154 11.16 -23.65 -5.90
C VAL B 154 12.24 -22.83 -6.59
N LYS B 155 12.81 -21.86 -5.87
CA LYS B 155 13.97 -21.14 -6.38
C LYS B 155 14.63 -20.22 -5.36
N TYR B 156 15.70 -19.57 -5.80
CA TYR B 156 16.38 -18.57 -4.98
C TYR B 156 16.08 -17.17 -5.52
N VAL B 157 15.72 -16.28 -4.59
CA VAL B 157 15.56 -14.88 -4.90
C VAL B 157 16.27 -14.10 -3.80
N GLU B 158 16.70 -12.88 -4.11
CA GLU B 158 17.42 -12.09 -3.12
C GLU B 158 17.02 -10.63 -3.19
N CYS B 159 17.25 -9.91 -2.09
CA CYS B 159 16.80 -8.53 -1.99
C CYS B 159 17.54 -7.75 -0.92
N SER B 160 17.25 -6.46 -0.90
CA SER B 160 17.67 -5.59 0.19
C SER B 160 16.47 -4.82 0.69
N ALA B 161 16.18 -4.94 1.97
CA ALA B 161 15.18 -4.08 2.59
C ALA B 161 15.63 -2.61 2.63
N LEU B 162 16.95 -2.40 2.70
CA LEU B 162 17.50 -1.04 2.82
C LEU B 162 17.39 -0.23 1.52
N THR B 163 17.63 -0.90 0.39
CA THR B 163 17.53 -0.23 -0.90
C THR B 163 16.28 -0.67 -1.64
N GLN B 164 15.65 -1.72 -1.12
CA GLN B 164 14.43 -2.28 -1.69
C GLN B 164 14.62 -2.97 -3.04
N LYS B 165 15.87 -3.22 -3.40
CA LYS B 165 16.16 -3.97 -4.62
C LYS B 165 15.84 -5.44 -4.42
N GLY B 166 15.05 -6.01 -5.33
CA GLY B 166 14.63 -7.40 -5.28
C GLY B 166 13.35 -7.63 -4.49
N LEU B 167 12.95 -6.63 -3.71
CA LEU B 167 11.85 -6.79 -2.76
C LEU B 167 10.54 -7.25 -3.42
N LYS B 168 10.13 -6.54 -4.45
CA LYS B 168 8.89 -6.86 -5.17
C LYS B 168 8.93 -8.26 -5.76
N ASN B 169 10.06 -8.58 -6.39
CA ASN B 169 10.24 -9.89 -7.02
C ASN B 169 10.08 -11.04 -6.03
N VAL B 170 10.61 -10.85 -4.83
CA VAL B 170 10.57 -11.91 -3.82
C VAL B 170 9.14 -12.37 -3.56
N PHE B 171 8.24 -11.43 -3.33
CA PHE B 171 6.91 -11.81 -2.89
C PHE B 171 6.05 -12.23 -4.07
N ASP B 172 6.41 -11.76 -5.26
CA ASP B 172 5.76 -12.21 -6.49
C ASP B 172 6.03 -13.70 -6.63
N GLU B 173 7.30 -14.08 -6.54
CA GLU B 173 7.70 -15.48 -6.67
C GLU B 173 7.06 -16.33 -5.58
N ALA B 174 6.92 -15.77 -4.39
CA ALA B 174 6.30 -16.51 -3.29
C ALA B 174 4.86 -16.89 -3.63
N ILE B 175 4.14 -15.97 -4.28
CA ILE B 175 2.75 -16.22 -4.64
C ILE B 175 2.69 -17.23 -5.77
N LEU B 176 3.52 -17.02 -6.79
CA LEU B 176 3.64 -17.97 -7.89
C LEU B 176 3.93 -19.36 -7.35
N ALA B 177 4.87 -19.44 -6.42
CA ALA B 177 5.24 -20.74 -5.85
C ALA B 177 4.09 -21.38 -5.07
N ALA B 178 3.33 -20.58 -4.35
CA ALA B 178 2.22 -21.10 -3.54
C ALA B 178 1.00 -21.49 -4.37
N LEU B 179 1.05 -21.24 -5.67
CA LEU B 179 -0.07 -21.53 -6.56
C LEU B 179 0.15 -22.80 -7.39
#